data_8ZPU
#
_entry.id   8ZPU
#
_cell.length_a   126.610
_cell.length_b   126.610
_cell.length_c   82.360
_cell.angle_alpha   90.000
_cell.angle_beta   90.000
_cell.angle_gamma   120.000
#
_symmetry.space_group_name_H-M   'P 32 2 1'
#
loop_
_entity.id
_entity.type
_entity.pdbx_description
1 polymer scFv
2 polymer PHE-PRO-GLN-PHE-SEP-TYR-SER
3 non-polymer 'SULFATE ION'
4 non-polymer 'CHLORIDE ION'
5 water water
#
loop_
_entity_poly.entity_id
_entity_poly.type
_entity_poly.pdbx_seq_one_letter_code
_entity_poly.pdbx_strand_id
1 'polypeptide(L)'
;QSLEESGGRLVTPGTPLTLTCTVSGFSLNNNAMTWVRQAPGKGLEWIGLISRSGITHYANWAKGRFTISKTSTTVDLKIT
TSTTEDTATYFCARVDYDDYRDWGSFNVWGPGTLVTVSLGGGGSGGGGSGGGGSAAVLTQTPSSVSSAVGGTVTINCQAS
QSLYNNKNLAWYQQKPGQRPKLLIYSASTLASGVPSRFSGSGSGTQFTLTINGVQSDDAATYYCQGEFSCSSADCNAFGG
GTEVVVKGGRGHHHHHH
;
A,B
2 'polypeptide(L)' RPHFPQF(SEP)YSAS C,D
#
loop_
_chem_comp.id
_chem_comp.type
_chem_comp.name
_chem_comp.formula
CL non-polymer 'CHLORIDE ION' 'Cl -1'
SO4 non-polymer 'SULFATE ION' 'O4 S -2'
#
# COMPACT_ATOMS: atom_id res chain seq x y z
N GLN A 1 -17.85 13.13 -4.72
CA GLN A 1 -17.81 11.78 -5.35
C GLN A 1 -16.42 11.14 -5.20
N SER A 2 -15.41 11.91 -4.75
CA SER A 2 -14.09 11.37 -4.52
C SER A 2 -13.43 12.04 -3.31
N LEU A 3 -12.61 11.26 -2.60
CA LEU A 3 -11.84 11.72 -1.46
C LEU A 3 -10.34 11.59 -1.75
N GLU A 4 -9.57 12.60 -1.30
CA GLU A 4 -8.12 12.62 -1.45
C GLU A 4 -7.42 12.70 -0.09
N GLU A 5 -6.29 12.00 0.05
CA GLU A 5 -5.59 11.90 1.32
C GLU A 5 -4.11 12.27 1.16
N SER A 6 -3.56 12.81 2.25
CA SER A 6 -2.16 13.24 2.33
C SER A 6 -1.20 12.06 2.17
N GLY A 7 0.10 12.37 2.02
CA GLY A 7 1.10 11.35 1.75
C GLY A 7 1.44 10.49 2.97
N GLY A 8 2.35 9.53 2.76
CA GLY A 8 2.79 8.60 3.78
C GLY A 8 3.85 9.22 4.69
N ARG A 9 3.72 9.00 6.01
CA ARG A 9 4.52 9.72 6.98
C ARG A 9 5.29 8.74 7.87
N LEU A 10 6.62 8.91 7.85
CA LEU A 10 7.51 8.14 8.70
C LEU A 10 7.90 9.03 9.87
N VAL A 11 7.49 8.63 11.07
CA VAL A 11 7.52 9.50 12.22
C VAL A 11 8.24 8.80 13.37
N THR A 12 8.68 9.59 14.36
CA THR A 12 9.26 9.06 15.59
C THR A 12 8.14 8.80 16.60
N PRO A 13 8.30 7.81 17.51
CA PRO A 13 7.39 7.65 18.63
C PRO A 13 7.33 8.93 19.45
N GLY A 14 6.09 9.35 19.77
CA GLY A 14 5.86 10.41 20.72
C GLY A 14 5.56 11.74 20.05
N THR A 15 5.48 11.76 18.72
CA THR A 15 5.42 13.02 18.00
C THR A 15 4.04 13.18 17.35
N PRO A 16 3.39 14.36 17.48
CA PRO A 16 2.04 14.60 16.96
C PRO A 16 2.02 14.75 15.44
N LEU A 17 0.88 14.39 14.84
CA LEU A 17 0.80 14.12 13.41
C LEU A 17 -0.63 14.35 12.93
N THR A 18 -0.80 14.96 11.76
CA THR A 18 -2.14 15.30 11.28
C THR A 18 -2.32 14.71 9.89
N LEU A 19 -3.40 13.94 9.70
CA LEU A 19 -3.75 13.39 8.40
C LEU A 19 -4.90 14.18 7.80
N THR A 20 -4.84 14.45 6.48
CA THR A 20 -5.88 15.23 5.82
C THR A 20 -6.64 14.37 4.83
N CYS A 21 -7.96 14.66 4.76
CA CYS A 21 -8.85 14.04 3.79
C CYS A 21 -9.64 15.10 3.03
N THR A 22 -9.26 15.32 1.77
CA THR A 22 -9.80 16.38 0.93
C THR A 22 -10.97 15.83 0.12
N VAL A 23 -12.05 16.61 0.00
CA VAL A 23 -13.30 16.11 -0.55
C VAL A 23 -13.56 16.79 -1.89
N SER A 24 -13.80 15.99 -2.94
CA SER A 24 -14.19 16.53 -4.23
C SER A 24 -15.63 16.13 -4.53
N GLY A 25 -16.47 17.13 -4.83
CA GLY A 25 -17.79 16.88 -5.39
C GLY A 25 -18.87 16.67 -4.33
N PHE A 26 -18.72 17.32 -3.17
CA PHE A 26 -19.80 17.45 -2.19
C PHE A 26 -19.29 18.32 -1.05
N SER A 27 -20.21 18.80 -0.19
CA SER A 27 -19.85 19.64 0.94
C SER A 27 -19.96 18.84 2.24
N LEU A 28 -19.05 19.08 3.19
CA LEU A 28 -19.10 18.43 4.48
C LEU A 28 -20.17 19.08 5.34
N ASN A 29 -20.70 20.22 4.89
CA ASN A 29 -21.86 20.84 5.51
C ASN A 29 -23.05 19.88 5.51
N ASN A 30 -23.17 19.05 4.47
CA ASN A 30 -24.31 18.16 4.30
C ASN A 30 -23.88 16.70 4.41
N ASN A 31 -22.65 16.43 4.85
CA ASN A 31 -22.15 15.07 4.89
C ASN A 31 -21.28 14.85 6.13
N ALA A 32 -21.44 13.66 6.72
CA ALA A 32 -20.60 13.24 7.83
C ALA A 32 -19.41 12.49 7.28
N MET A 33 -18.26 12.64 7.95
CA MET A 33 -17.05 11.93 7.55
C MET A 33 -16.59 11.05 8.71
N THR A 34 -15.99 9.89 8.38
CA THR A 34 -15.48 8.97 9.40
C THR A 34 -14.06 8.56 9.03
N TRP A 35 -13.24 8.26 10.06
CA TRP A 35 -11.91 7.69 9.93
C TRP A 35 -11.88 6.24 10.38
N VAL A 36 -11.08 5.42 9.68
CA VAL A 36 -10.94 3.99 9.86
C VAL A 36 -9.45 3.68 9.66
N ARG A 37 -8.84 2.86 10.52
CA ARG A 37 -7.46 2.51 10.28
C ARG A 37 -7.33 1.01 10.05
N GLN A 38 -6.18 0.62 9.51
CA GLN A 38 -5.88 -0.78 9.24
C GLN A 38 -4.37 -0.98 9.36
N ALA A 39 -3.93 -1.65 10.41
CA ALA A 39 -2.52 -1.97 10.57
C ALA A 39 -2.13 -3.04 9.54
N PRO A 40 -0.84 -3.13 9.13
CA PRO A 40 -0.45 -4.02 8.05
C PRO A 40 -0.81 -5.48 8.38
N GLY A 41 -1.48 -6.12 7.41
CA GLY A 41 -1.86 -7.53 7.49
C GLY A 41 -3.13 -7.78 8.31
N LYS A 42 -3.68 -6.72 8.92
CA LYS A 42 -4.75 -6.83 9.89
C LYS A 42 -6.02 -6.26 9.26
N GLY A 43 -7.05 -6.07 10.10
CA GLY A 43 -8.39 -5.73 9.64
C GLY A 43 -8.76 -4.27 9.90
N LEU A 44 -9.94 -3.89 9.41
CA LEU A 44 -10.48 -2.55 9.59
C LEU A 44 -10.94 -2.38 11.03
N GLU A 45 -10.68 -1.18 11.56
CA GLU A 45 -11.03 -0.78 12.90
C GLU A 45 -11.50 0.67 12.84
N TRP A 46 -12.68 0.94 13.41
CA TRP A 46 -13.26 2.28 13.42
C TRP A 46 -12.57 3.17 14.44
N ILE A 47 -12.27 4.42 14.05
CA ILE A 47 -11.66 5.42 14.92
C ILE A 47 -12.74 6.37 15.43
N GLY A 48 -13.46 7.05 14.52
CA GLY A 48 -14.48 8.01 14.92
C GLY A 48 -15.14 8.72 13.74
N LEU A 49 -16.00 9.70 14.00
CA LEU A 49 -16.63 10.43 12.90
C LEU A 49 -17.07 11.82 13.35
N ILE A 50 -17.38 12.65 12.35
CA ILE A 50 -17.81 14.02 12.56
C ILE A 50 -19.15 14.21 11.85
N SER A 51 -20.14 14.69 12.59
CA SER A 51 -21.47 14.93 12.04
C SER A 51 -21.48 16.20 11.17
N ARG A 52 -22.61 16.48 10.53
CA ARG A 52 -22.75 17.60 9.60
C ARG A 52 -22.53 18.92 10.32
N SER A 53 -23.05 19.04 11.55
CA SER A 53 -22.93 20.25 12.34
C SER A 53 -21.56 20.33 13.00
N GLY A 54 -20.92 19.15 13.21
CA GLY A 54 -19.52 19.10 13.62
C GLY A 54 -19.29 18.35 14.93
N ILE A 55 -20.31 17.60 15.39
CA ILE A 55 -20.24 16.81 16.61
C ILE A 55 -19.36 15.59 16.35
N THR A 56 -18.37 15.36 17.23
CA THR A 56 -17.45 14.25 17.07
C THR A 56 -17.89 13.06 17.94
N HIS A 57 -17.55 11.87 17.45
CA HIS A 57 -17.77 10.61 18.13
C HIS A 57 -16.57 9.72 17.88
N TYR A 58 -16.05 9.07 18.93
CA TYR A 58 -14.88 8.21 18.82
C TYR A 58 -15.24 6.80 19.31
N ALA A 59 -14.49 5.80 18.84
CA ALA A 59 -14.46 4.52 19.53
C ALA A 59 -13.82 4.74 20.91
N ASN A 60 -14.11 3.83 21.84
CA ASN A 60 -13.67 3.95 23.21
C ASN A 60 -12.14 3.87 23.29
N TRP A 61 -11.54 3.02 22.45
CA TRP A 61 -10.10 2.83 22.45
C TRP A 61 -9.40 4.13 22.08
N ALA A 62 -10.05 4.92 21.22
CA ALA A 62 -9.41 6.05 20.54
C ALA A 62 -9.60 7.35 21.31
N LYS A 63 -10.63 7.42 22.16
CA LYS A 63 -11.02 8.67 22.80
C LYS A 63 -9.78 9.34 23.39
N GLY A 64 -9.54 10.58 22.98
CA GLY A 64 -8.56 11.45 23.62
C GLY A 64 -7.22 11.48 22.88
N ARG A 65 -6.86 10.37 22.22
CA ARG A 65 -5.60 10.28 21.51
C ARG A 65 -5.76 10.58 20.02
N PHE A 66 -7.01 10.75 19.57
CA PHE A 66 -7.29 11.23 18.23
C PHE A 66 -8.30 12.37 18.32
N THR A 67 -8.11 13.38 17.47
CA THR A 67 -9.06 14.48 17.32
C THR A 67 -9.45 14.61 15.85
N ILE A 68 -10.75 14.69 15.60
CA ILE A 68 -11.26 14.92 14.26
C ILE A 68 -11.77 16.34 14.20
N SER A 69 -11.27 17.10 13.21
CA SER A 69 -11.77 18.43 12.93
C SER A 69 -11.96 18.53 11.42
N LYS A 70 -12.58 19.63 10.99
CA LYS A 70 -12.85 19.80 9.57
C LYS A 70 -12.98 21.28 9.22
N THR A 71 -12.90 21.56 7.91
CA THR A 71 -13.58 22.67 7.27
C THR A 71 -14.58 22.08 6.27
N SER A 72 -15.17 22.93 5.41
CA SER A 72 -16.25 22.52 4.53
C SER A 72 -15.78 21.51 3.47
N THR A 73 -14.47 21.47 3.16
CA THR A 73 -13.96 20.69 2.06
C THR A 73 -12.97 19.62 2.53
N THR A 74 -12.50 19.71 3.79
CA THR A 74 -11.42 18.88 4.28
C THR A 74 -11.75 18.44 5.70
N VAL A 75 -11.43 17.18 6.01
CA VAL A 75 -11.51 16.68 7.37
C VAL A 75 -10.11 16.19 7.78
N ASP A 76 -9.79 16.35 9.06
CA ASP A 76 -8.47 15.99 9.58
C ASP A 76 -8.59 14.91 10.65
N LEU A 77 -7.46 14.24 10.89
CA LEU A 77 -7.26 13.34 12.01
C LEU A 77 -5.92 13.70 12.64
N LYS A 78 -5.97 14.39 13.78
CA LYS A 78 -4.78 14.58 14.59
C LYS A 78 -4.58 13.36 15.50
N ILE A 79 -3.41 12.74 15.37
CA ILE A 79 -2.89 11.79 16.32
C ILE A 79 -2.09 12.58 17.36
N THR A 80 -2.54 12.58 18.62
CA THR A 80 -1.92 13.37 19.67
C THR A 80 -0.50 12.85 19.88
N THR A 81 -0.37 11.57 20.24
CA THR A 81 0.94 10.96 20.48
C THR A 81 1.00 9.67 19.66
N SER A 82 2.11 9.46 18.97
CA SER A 82 2.23 8.34 18.06
C SER A 82 3.04 7.24 18.71
N THR A 83 2.44 6.04 18.79
CA THR A 83 3.07 4.84 19.32
C THR A 83 3.24 3.88 18.15
N THR A 84 3.94 2.77 18.37
CA THR A 84 4.12 1.75 17.34
C THR A 84 2.76 1.21 16.93
N GLU A 85 1.77 1.25 17.83
CA GLU A 85 0.44 0.71 17.59
C GLU A 85 -0.36 1.62 16.65
N ASP A 86 0.20 2.78 16.27
CA ASP A 86 -0.43 3.67 15.31
C ASP A 86 0.12 3.42 13.90
N THR A 87 1.01 2.44 13.74
CA THR A 87 1.46 2.05 12.42
C THR A 87 0.26 1.45 11.67
N ALA A 88 -0.31 2.23 10.74
CA ALA A 88 -1.45 1.75 9.97
C ALA A 88 -1.71 2.62 8.77
N THR A 89 -2.55 2.09 7.88
CA THR A 89 -3.14 2.87 6.81
C THR A 89 -4.43 3.44 7.37
N TYR A 90 -4.57 4.76 7.24
CA TYR A 90 -5.74 5.48 7.73
C TYR A 90 -6.59 5.90 6.54
N PHE A 91 -7.83 5.40 6.48
CA PHE A 91 -8.79 5.79 5.46
C PHE A 91 -9.81 6.75 6.06
N CYS A 92 -10.25 7.71 5.24
CA CYS A 92 -11.43 8.52 5.48
C CYS A 92 -12.57 7.95 4.64
N ALA A 93 -13.82 8.26 5.02
CA ALA A 93 -14.97 7.79 4.27
C ALA A 93 -16.20 8.63 4.58
N ARG A 94 -17.07 8.80 3.58
CA ARG A 94 -18.33 9.52 3.73
C ARG A 94 -19.32 8.62 4.46
N VAL A 95 -20.02 9.21 5.43
CA VAL A 95 -20.98 8.46 6.22
C VAL A 95 -22.34 8.64 5.57
N ASP A 96 -22.97 7.50 5.22
CA ASP A 96 -24.19 7.46 4.43
C ASP A 96 -25.38 7.68 5.37
N TYR A 97 -25.76 8.95 5.57
CA TYR A 97 -27.07 9.29 6.12
C TYR A 97 -27.49 10.68 5.62
N ASP A 98 -28.77 11.02 5.83
CA ASP A 98 -29.30 12.36 5.60
C ASP A 98 -30.43 12.62 6.60
N ASP A 99 -31.29 13.62 6.32
CA ASP A 99 -32.29 14.09 7.27
C ASP A 99 -33.43 13.09 7.45
N TYR A 100 -33.63 12.17 6.49
CA TYR A 100 -34.76 11.27 6.55
C TYR A 100 -34.33 9.92 7.15
N ARG A 101 -33.27 9.33 6.61
CA ARG A 101 -32.89 7.98 7.01
C ARG A 101 -31.37 7.87 7.09
N ASP A 102 -30.95 6.79 7.78
CA ASP A 102 -29.58 6.54 8.15
C ASP A 102 -29.27 5.13 7.66
N TRP A 103 -28.46 5.01 6.62
CA TRP A 103 -28.14 3.72 5.99
C TRP A 103 -27.05 3.01 6.79
N GLY A 104 -26.28 3.77 7.58
CA GLY A 104 -25.31 3.22 8.51
C GLY A 104 -23.94 3.03 7.88
N SER A 105 -23.91 2.99 6.55
CA SER A 105 -22.75 2.57 5.80
C SER A 105 -21.78 3.72 5.51
N PHE A 106 -20.62 3.34 4.98
CA PHE A 106 -19.61 4.26 4.47
C PHE A 106 -19.46 3.94 2.98
N ASN A 107 -19.76 4.88 2.07
CA ASN A 107 -19.97 4.49 0.67
C ASN A 107 -18.96 5.13 -0.28
N VAL A 108 -18.22 6.14 0.19
CA VAL A 108 -17.15 6.70 -0.60
C VAL A 108 -15.90 6.65 0.26
N TRP A 109 -14.81 6.15 -0.33
CA TRP A 109 -13.59 5.91 0.43
C TRP A 109 -12.39 6.64 -0.19
N GLY A 110 -11.51 7.16 0.69
CA GLY A 110 -10.23 7.68 0.25
C GLY A 110 -9.26 6.54 -0.03
N PRO A 111 -8.12 6.81 -0.70
CA PRO A 111 -7.16 5.75 -1.03
C PRO A 111 -6.27 5.31 0.14
N GLY A 112 -6.41 5.99 1.28
CA GLY A 112 -5.64 5.65 2.47
C GLY A 112 -4.27 6.30 2.47
N THR A 113 -3.77 6.58 3.67
CA THR A 113 -2.47 7.18 3.86
C THR A 113 -1.74 6.39 4.95
N LEU A 114 -0.60 5.78 4.57
CA LEU A 114 0.14 4.89 5.46
C LEU A 114 0.92 5.73 6.47
N VAL A 115 0.86 5.33 7.73
CA VAL A 115 1.65 5.92 8.80
C VAL A 115 2.53 4.82 9.39
N THR A 116 3.84 4.92 9.19
CA THR A 116 4.79 4.02 9.84
C THR A 116 5.41 4.76 11.01
N VAL A 117 5.04 4.35 12.23
CA VAL A 117 5.72 4.84 13.43
C VAL A 117 6.86 3.89 13.71
N SER A 118 8.08 4.39 13.72
CA SER A 118 9.21 3.50 13.97
C SER A 118 10.42 4.29 14.48
N ALA A 135 -20.26 -2.64 25.46
CA ALA A 135 -19.32 -2.85 24.33
C ALA A 135 -20.05 -3.51 23.16
N ALA A 136 -19.51 -3.30 21.96
CA ALA A 136 -20.13 -3.80 20.74
C ALA A 136 -19.08 -4.47 19.87
N VAL A 137 -19.19 -5.78 19.64
CA VAL A 137 -18.28 -6.46 18.74
C VAL A 137 -19.07 -7.19 17.66
N LEU A 138 -18.45 -7.32 16.47
CA LEU A 138 -18.94 -8.17 15.39
C LEU A 138 -18.00 -9.37 15.32
N THR A 139 -18.53 -10.58 15.52
CA THR A 139 -17.74 -11.77 15.31
C THR A 139 -18.05 -12.29 13.91
N GLN A 140 -17.00 -12.41 13.09
CA GLN A 140 -17.16 -12.75 11.68
C GLN A 140 -16.50 -14.09 11.40
N THR A 141 -17.24 -15.00 10.76
CA THR A 141 -16.76 -16.35 10.55
C THR A 141 -17.18 -16.85 9.17
N PRO A 142 -16.31 -17.60 8.46
CA PRO A 142 -15.01 -18.02 8.99
C PRO A 142 -13.95 -16.94 8.78
N SER A 143 -12.74 -17.16 9.31
CA SER A 143 -11.67 -16.18 9.14
C SER A 143 -11.10 -16.26 7.72
N SER A 144 -11.31 -17.40 7.06
CA SER A 144 -10.84 -17.61 5.70
C SER A 144 -11.60 -18.77 5.05
N VAL A 145 -11.69 -18.75 3.73
CA VAL A 145 -12.39 -19.81 3.03
C VAL A 145 -11.88 -19.84 1.60
N SER A 146 -11.84 -21.05 1.04
CA SER A 146 -11.38 -21.31 -0.30
C SER A 146 -12.59 -21.83 -1.08
N SER A 147 -12.80 -21.30 -2.27
CA SER A 147 -13.94 -21.68 -3.09
C SER A 147 -13.52 -22.02 -4.52
N ALA A 148 -14.14 -23.07 -5.06
CA ALA A 148 -14.07 -23.35 -6.48
C ALA A 148 -14.90 -22.31 -7.23
N VAL A 149 -14.37 -21.89 -8.38
CA VAL A 149 -15.09 -20.98 -9.27
C VAL A 149 -16.45 -21.61 -9.52
N GLY A 150 -17.51 -20.83 -9.32
CA GLY A 150 -18.87 -21.30 -9.52
C GLY A 150 -19.49 -21.78 -8.22
N GLY A 151 -18.65 -21.93 -7.18
CA GLY A 151 -19.10 -22.36 -5.85
C GLY A 151 -19.90 -21.29 -5.12
N THR A 152 -20.37 -21.64 -3.92
CA THR A 152 -21.17 -20.75 -3.09
C THR A 152 -20.42 -20.45 -1.79
N VAL A 153 -20.34 -19.16 -1.44
CA VAL A 153 -19.60 -18.76 -0.26
C VAL A 153 -20.55 -18.03 0.68
N THR A 154 -20.66 -18.54 1.92
CA THR A 154 -21.40 -17.84 2.95
C THR A 154 -20.40 -17.33 4.00
N ILE A 155 -20.63 -16.08 4.44
CA ILE A 155 -19.89 -15.48 5.53
C ILE A 155 -20.88 -14.99 6.58
N ASN A 156 -20.58 -15.28 7.84
CA ASN A 156 -21.49 -14.96 8.93
C ASN A 156 -20.94 -13.80 9.75
N CYS A 157 -21.84 -12.92 10.17
CA CYS A 157 -21.53 -11.81 11.05
C CYS A 157 -22.55 -11.82 12.19
N GLN A 158 -22.04 -11.79 13.42
CA GLN A 158 -22.82 -12.01 14.62
C GLN A 158 -22.59 -10.87 15.60
N ALA A 159 -23.63 -10.08 15.88
CA ALA A 159 -23.51 -8.95 16.78
C ALA A 159 -23.67 -9.44 18.23
N SER A 160 -23.12 -8.64 19.14
CA SER A 160 -23.20 -8.85 20.58
C SER A 160 -24.34 -8.03 21.17
N GLN A 161 -25.03 -7.31 20.29
CA GLN A 161 -26.03 -6.32 20.63
C GLN A 161 -26.70 -5.89 19.32
N SER A 162 -28.02 -5.67 19.38
CA SER A 162 -28.78 -5.33 18.19
C SER A 162 -28.27 -4.02 17.61
N LEU A 163 -28.35 -3.91 16.29
CA LEU A 163 -27.75 -2.81 15.58
C LEU A 163 -28.77 -1.68 15.45
N TYR A 164 -28.25 -0.47 15.18
CA TYR A 164 -29.08 0.70 15.00
C TYR A 164 -30.05 0.46 13.85
N ASN A 165 -31.35 0.63 14.14
CA ASN A 165 -32.41 0.39 13.17
C ASN A 165 -32.66 -1.12 13.01
N ASN A 166 -31.91 -1.97 13.72
CA ASN A 166 -32.11 -3.41 13.67
C ASN A 166 -31.37 -4.06 12.51
N LYS A 167 -30.88 -3.24 11.56
CA LYS A 167 -30.47 -3.79 10.27
C LYS A 167 -29.32 -3.03 9.61
N ASN A 168 -28.67 -2.09 10.30
CA ASN A 168 -27.61 -1.32 9.67
C ASN A 168 -26.28 -2.06 9.76
N LEU A 169 -26.26 -3.23 9.11
CA LEU A 169 -25.09 -4.05 8.91
C LEU A 169 -24.73 -3.95 7.43
N ALA A 170 -23.48 -3.58 7.15
CA ALA A 170 -23.01 -3.41 5.78
C ALA A 170 -21.83 -4.34 5.57
N TRP A 171 -21.63 -4.74 4.31
CA TRP A 171 -20.49 -5.56 3.93
C TRP A 171 -19.60 -4.75 3.00
N TYR A 172 -18.28 -4.88 3.18
CA TYR A 172 -17.30 -4.28 2.28
C TYR A 172 -16.37 -5.37 1.75
N GLN A 173 -15.90 -5.15 0.51
CA GLN A 173 -14.90 -5.95 -0.15
C GLN A 173 -13.60 -5.15 -0.14
N GLN A 174 -12.45 -5.82 0.05
CA GLN A 174 -11.15 -5.18 -0.01
C GLN A 174 -10.10 -6.13 -0.60
N LYS A 175 -9.71 -5.84 -1.86
CA LYS A 175 -8.64 -6.57 -2.53
C LYS A 175 -7.32 -6.05 -1.98
N PRO A 176 -6.23 -6.87 -1.96
CA PRO A 176 -4.98 -6.51 -1.30
C PRO A 176 -4.39 -5.20 -1.80
N GLY A 177 -4.19 -4.24 -0.89
CA GLY A 177 -3.49 -3.00 -1.19
C GLY A 177 -4.41 -1.94 -1.79
N GLN A 178 -5.71 -2.26 -1.89
CA GLN A 178 -6.74 -1.34 -2.36
C GLN A 178 -7.63 -0.99 -1.18
N ARG A 179 -8.38 0.12 -1.29
CA ARG A 179 -9.28 0.56 -0.24
C ARG A 179 -10.47 -0.40 -0.15
N PRO A 180 -11.30 -0.33 0.90
CA PRO A 180 -12.56 -1.08 0.95
C PRO A 180 -13.63 -0.55 0.01
N LYS A 181 -14.43 -1.45 -0.56
CA LYS A 181 -15.53 -1.10 -1.45
C LYS A 181 -16.85 -1.65 -0.90
N LEU A 182 -17.87 -0.77 -0.84
CA LEU A 182 -19.17 -1.11 -0.28
C LEU A 182 -19.97 -1.98 -1.25
N LEU A 183 -20.54 -3.08 -0.72
CA LEU A 183 -21.33 -4.03 -1.51
C LEU A 183 -22.79 -3.99 -1.08
N ILE A 184 -23.04 -4.20 0.21
CA ILE A 184 -24.37 -4.40 0.78
C ILE A 184 -24.54 -3.40 1.93
N TYR A 185 -25.69 -2.74 2.03
CA TYR A 185 -25.99 -1.90 3.18
C TYR A 185 -27.46 -2.08 3.57
N SER A 186 -27.73 -1.83 4.86
CA SER A 186 -28.98 -2.17 5.52
C SER A 186 -29.27 -3.67 5.47
N ALA A 187 -28.21 -4.49 5.45
CA ALA A 187 -28.32 -5.94 5.57
C ALA A 187 -28.44 -6.60 4.20
N SER A 188 -29.29 -6.04 3.33
CA SER A 188 -29.69 -6.76 2.12
C SER A 188 -29.75 -5.87 0.86
N THR A 189 -29.30 -4.61 0.93
CA THR A 189 -29.40 -3.72 -0.21
C THR A 189 -28.07 -3.68 -0.94
N LEU A 190 -28.12 -4.06 -2.22
CA LEU A 190 -26.98 -4.11 -3.12
C LEU A 190 -26.62 -2.70 -3.54
N ALA A 191 -25.34 -2.33 -3.34
CA ALA A 191 -24.85 -1.00 -3.69
C ALA A 191 -24.77 -0.85 -5.20
N SER A 192 -24.63 0.40 -5.62
CA SER A 192 -24.44 0.79 -7.00
C SER A 192 -23.29 0.01 -7.65
N GLY A 193 -23.57 -0.59 -8.81
CA GLY A 193 -22.56 -1.23 -9.64
C GLY A 193 -22.05 -2.55 -9.07
N VAL A 194 -22.79 -3.13 -8.12
CA VAL A 194 -22.37 -4.38 -7.49
C VAL A 194 -23.13 -5.53 -8.15
N PRO A 195 -22.42 -6.62 -8.53
CA PRO A 195 -23.06 -7.73 -9.24
C PRO A 195 -24.07 -8.44 -8.34
N SER A 196 -25.15 -8.93 -8.95
CA SER A 196 -26.28 -9.46 -8.20
C SER A 196 -25.93 -10.84 -7.62
N ARG A 197 -24.75 -11.36 -7.97
CA ARG A 197 -24.29 -12.63 -7.44
C ARG A 197 -24.00 -12.49 -5.94
N PHE A 198 -23.81 -11.26 -5.47
CA PHE A 198 -23.73 -10.96 -4.05
C PHE A 198 -25.15 -10.73 -3.51
N SER A 199 -25.44 -11.28 -2.32
CA SER A 199 -26.66 -10.95 -1.60
C SER A 199 -26.45 -11.17 -0.11
N GLY A 200 -27.16 -10.38 0.70
CA GLY A 200 -26.97 -10.36 2.13
C GLY A 200 -28.31 -10.50 2.84
N SER A 201 -28.27 -11.09 4.04
CA SER A 201 -29.50 -11.33 4.77
C SER A 201 -29.22 -11.27 6.27
N GLY A 202 -30.28 -11.43 7.07
CA GLY A 202 -30.18 -11.39 8.52
C GLY A 202 -31.04 -10.29 9.15
N SER A 203 -31.01 -10.23 10.48
CA SER A 203 -31.79 -9.29 11.28
C SER A 203 -31.42 -9.46 12.74
N GLY A 204 -31.59 -8.40 13.53
CA GLY A 204 -31.18 -8.44 14.93
C GLY A 204 -29.66 -8.47 15.06
N THR A 205 -29.10 -9.68 15.22
CA THR A 205 -27.69 -9.82 15.53
C THR A 205 -27.03 -10.92 14.69
N GLN A 206 -27.76 -11.47 13.71
CA GLN A 206 -27.20 -12.46 12.78
C GLN A 206 -27.42 -11.99 11.35
N PHE A 207 -26.32 -11.92 10.58
CA PHE A 207 -26.33 -11.49 9.20
C PHE A 207 -25.39 -12.41 8.41
N THR A 208 -25.72 -12.69 7.14
CA THR A 208 -24.84 -13.46 6.29
C THR A 208 -24.66 -12.74 4.94
N LEU A 209 -23.43 -12.80 4.43
CA LEU A 209 -23.10 -12.46 3.05
C LEU A 209 -22.96 -13.76 2.27
N THR A 210 -23.67 -13.85 1.14
CA THR A 210 -23.59 -15.01 0.28
C THR A 210 -23.03 -14.55 -1.06
N ILE A 211 -22.18 -15.37 -1.66
CA ILE A 211 -21.73 -15.20 -3.03
C ILE A 211 -22.20 -16.43 -3.83
N ASN A 212 -23.21 -16.26 -4.69
CA ASN A 212 -23.77 -17.37 -5.47
C ASN A 212 -23.14 -17.44 -6.87
N GLY A 213 -22.17 -18.33 -7.06
CA GLY A 213 -21.38 -18.35 -8.28
C GLY A 213 -20.17 -17.43 -8.15
N VAL A 214 -19.19 -17.90 -7.37
CA VAL A 214 -17.99 -17.13 -7.05
C VAL A 214 -17.08 -17.10 -8.27
N GLN A 215 -16.46 -15.92 -8.50
CA GLN A 215 -15.63 -15.69 -9.66
C GLN A 215 -14.24 -15.26 -9.20
N SER A 216 -13.25 -15.48 -10.08
CA SER A 216 -11.84 -15.27 -9.77
C SER A 216 -11.59 -13.86 -9.24
N ASP A 217 -12.39 -12.91 -9.73
CA ASP A 217 -12.30 -11.52 -9.32
C ASP A 217 -12.97 -11.29 -7.96
N ASP A 218 -13.61 -12.30 -7.36
CA ASP A 218 -14.21 -12.10 -6.05
C ASP A 218 -13.19 -12.40 -4.96
N ALA A 219 -11.99 -12.85 -5.34
CA ALA A 219 -10.95 -13.07 -4.36
C ALA A 219 -10.62 -11.75 -3.63
N ALA A 220 -11.00 -11.69 -2.35
CA ALA A 220 -10.73 -10.54 -1.52
C ALA A 220 -10.92 -10.88 -0.04
N THR A 221 -10.75 -9.88 0.81
CA THR A 221 -11.17 -9.93 2.20
C THR A 221 -12.50 -9.19 2.32
N TYR A 222 -13.45 -9.77 3.05
CA TYR A 222 -14.76 -9.16 3.26
C TYR A 222 -14.94 -8.80 4.72
N TYR A 223 -15.30 -7.54 4.98
CA TYR A 223 -15.61 -7.06 6.32
C TYR A 223 -17.12 -6.78 6.43
N CYS A 224 -17.72 -7.21 7.55
CA CYS A 224 -19.03 -6.72 7.98
C CYS A 224 -18.83 -5.49 8.86
N GLN A 225 -19.80 -4.57 8.85
CA GLN A 225 -19.77 -3.36 9.68
C GLN A 225 -21.18 -2.99 10.13
N GLY A 226 -21.31 -2.75 11.44
CA GLY A 226 -22.57 -2.51 12.11
C GLY A 226 -22.56 -1.13 12.76
N GLU A 227 -23.66 -0.40 12.58
CA GLU A 227 -23.92 0.83 13.32
C GLU A 227 -24.70 0.47 14.58
N PHE A 228 -24.21 0.93 15.74
CA PHE A 228 -24.88 0.69 17.00
C PHE A 228 -25.51 2.00 17.44
N SER A 229 -26.10 2.00 18.64
CA SER A 229 -26.57 3.23 19.26
C SER A 229 -25.40 3.90 19.99
N CYS A 230 -25.08 5.14 19.61
CA CYS A 230 -23.92 5.85 20.11
C CYS A 230 -23.91 5.94 21.64
N SER A 231 -25.10 6.08 22.27
CA SER A 231 -25.22 6.35 23.70
C SER A 231 -25.16 5.08 24.56
N SER A 232 -24.88 3.91 23.95
CA SER A 232 -24.69 2.69 24.73
C SER A 232 -23.48 1.89 24.24
N ALA A 233 -22.69 2.45 23.30
CA ALA A 233 -21.64 1.69 22.62
C ALA A 233 -20.89 2.59 21.64
N ASP A 234 -19.85 2.00 21.02
CA ASP A 234 -19.18 2.60 19.88
C ASP A 234 -20.19 2.69 18.76
N CYS A 235 -20.19 3.83 18.04
CA CYS A 235 -21.22 4.09 17.05
C CYS A 235 -21.14 3.11 15.88
N ASN A 236 -19.92 2.61 15.62
CA ASN A 236 -19.68 1.61 14.60
C ASN A 236 -18.62 0.62 15.07
N ALA A 237 -18.65 -0.57 14.48
CA ALA A 237 -17.54 -1.51 14.60
C ALA A 237 -17.54 -2.45 13.39
N PHE A 238 -16.38 -3.08 13.15
CA PHE A 238 -16.22 -3.99 12.04
C PHE A 238 -15.94 -5.38 12.58
N GLY A 239 -16.29 -6.40 11.80
CA GLY A 239 -15.82 -7.75 12.03
C GLY A 239 -14.32 -7.83 11.76
N GLY A 240 -13.75 -9.01 12.03
CA GLY A 240 -12.32 -9.26 11.85
C GLY A 240 -11.98 -9.63 10.40
N GLY A 241 -13.03 -9.80 9.58
CA GLY A 241 -12.87 -10.01 8.16
C GLY A 241 -12.77 -11.48 7.79
N THR A 242 -13.03 -11.78 6.51
CA THR A 242 -12.92 -13.11 5.95
C THR A 242 -12.06 -13.05 4.70
N GLU A 243 -11.01 -13.86 4.68
CA GLU A 243 -10.21 -13.99 3.47
C GLU A 243 -10.85 -15.03 2.57
N VAL A 244 -11.21 -14.60 1.35
CA VAL A 244 -11.82 -15.49 0.37
C VAL A 244 -10.86 -15.66 -0.79
N VAL A 245 -10.42 -16.91 -0.98
CA VAL A 245 -9.58 -17.34 -2.08
C VAL A 245 -10.47 -18.04 -3.10
N VAL A 246 -10.13 -17.95 -4.38
CA VAL A 246 -10.89 -18.63 -5.42
C VAL A 246 -9.98 -19.55 -6.22
N LYS A 247 -10.20 -20.87 -6.10
CA LYS A 247 -9.41 -21.89 -6.77
C LYS A 247 -9.87 -22.00 -8.23
N GLY A 248 -8.93 -21.85 -9.19
CA GLY A 248 -9.23 -22.05 -10.60
C GLY A 248 -8.08 -22.74 -11.32
N PHE B 4 -32.02 11.87 16.30
CA PHE B 4 -31.80 11.60 14.87
C PHE B 4 -31.38 12.87 14.13
N PRO B 5 -30.33 12.81 13.25
CA PRO B 5 -29.44 11.66 13.15
C PRO B 5 -28.67 11.54 14.47
N GLN B 6 -28.44 10.31 14.94
CA GLN B 6 -27.90 10.12 16.28
C GLN B 6 -26.51 10.74 16.35
N PHE B 7 -25.91 10.99 15.19
CA PHE B 7 -24.58 11.57 15.13
C PHE B 7 -24.61 13.04 15.53
N SEP B 8 -25.74 13.73 15.32
CA SEP B 8 -25.87 15.17 15.53
CB SEP B 8 -26.91 15.73 14.60
OG SEP B 8 -26.61 15.27 13.26
C SEP B 8 -26.20 15.54 16.98
O SEP B 8 -26.61 16.68 17.24
P SEP B 8 -25.85 16.24 12.23
O1P SEP B 8 -25.02 17.20 13.05
O2P SEP B 8 -25.02 15.36 11.31
O3P SEP B 8 -27.01 16.90 11.50
N TYR B 9 -26.05 14.58 17.91
CA TYR B 9 -26.35 14.79 19.32
C TYR B 9 -25.34 14.04 20.18
N SER B 10 -24.96 14.66 21.32
CA SER B 10 -23.85 14.21 22.14
C SER B 10 -24.35 13.44 23.38
N GLN C 1 6.73 7.95 -20.00
CA GLN C 1 6.99 8.74 -18.77
C GLN C 1 6.17 8.22 -17.60
N SER C 2 5.21 7.31 -17.84
CA SER C 2 4.43 6.72 -16.75
C SER C 2 4.22 5.21 -16.96
N LEU C 3 4.24 4.49 -15.85
CA LEU C 3 4.05 3.05 -15.80
C LEU C 3 2.83 2.74 -14.94
N GLU C 4 2.05 1.73 -15.32
CA GLU C 4 1.04 1.22 -14.41
C GLU C 4 1.02 -0.30 -14.40
N GLU C 5 0.78 -0.88 -13.21
CA GLU C 5 0.58 -2.31 -13.09
C GLU C 5 -0.89 -2.61 -12.79
N SER C 6 -1.28 -3.87 -12.98
CA SER C 6 -2.59 -4.38 -12.60
C SER C 6 -2.83 -4.28 -11.09
N GLY C 7 -4.08 -4.55 -10.67
CA GLY C 7 -4.47 -4.47 -9.27
C GLY C 7 -3.96 -5.66 -8.44
N GLY C 8 -4.43 -5.73 -7.19
CA GLY C 8 -3.94 -6.64 -6.18
C GLY C 8 -4.60 -8.02 -6.27
N ARG C 9 -3.85 -9.04 -5.86
CA ARG C 9 -4.20 -10.43 -6.16
C ARG C 9 -4.12 -11.27 -4.90
N LEU C 10 -5.25 -11.84 -4.50
CA LEU C 10 -5.28 -12.74 -3.35
C LEU C 10 -5.35 -14.15 -3.90
N VAL C 11 -4.30 -14.93 -3.67
CA VAL C 11 -4.17 -16.22 -4.31
C VAL C 11 -3.94 -17.28 -3.24
N THR C 12 -4.16 -18.52 -3.68
CA THR C 12 -3.86 -19.72 -2.90
C THR C 12 -2.39 -20.09 -3.14
N PRO C 13 -1.73 -20.76 -2.16
CA PRO C 13 -0.42 -21.35 -2.39
C PRO C 13 -0.52 -22.35 -3.54
N GLY C 14 0.46 -22.25 -4.45
CA GLY C 14 0.66 -23.26 -5.47
C GLY C 14 0.05 -22.86 -6.82
N THR C 15 -0.46 -21.64 -6.92
CA THR C 15 -1.23 -21.26 -8.09
C THR C 15 -0.49 -20.20 -8.89
N PRO C 16 -0.38 -20.36 -10.24
CA PRO C 16 0.33 -19.42 -11.10
C PRO C 16 -0.41 -18.10 -11.29
N LEU C 17 0.36 -17.05 -11.58
CA LEU C 17 -0.11 -15.68 -11.50
C LEU C 17 0.73 -14.82 -12.43
N THR C 18 0.09 -13.87 -13.12
CA THR C 18 0.82 -12.97 -14.00
C THR C 18 0.52 -11.53 -13.59
N LEU C 19 1.56 -10.74 -13.37
CA LEU C 19 1.43 -9.33 -13.08
C LEU C 19 1.80 -8.52 -14.33
N THR C 20 1.04 -7.45 -14.60
CA THR C 20 1.26 -6.66 -15.80
C THR C 20 1.72 -5.26 -15.44
N CYS C 21 2.63 -4.73 -16.28
CA CYS C 21 3.11 -3.36 -16.20
C CYS C 21 2.95 -2.69 -17.55
N THR C 22 1.98 -1.78 -17.66
CA THR C 22 1.66 -1.08 -18.90
C THR C 22 2.43 0.23 -18.95
N VAL C 23 2.94 0.55 -20.15
CA VAL C 23 3.88 1.65 -20.31
C VAL C 23 3.21 2.76 -21.13
N SER C 24 3.21 3.99 -20.61
CA SER C 24 2.78 5.15 -21.39
C SER C 24 3.95 6.07 -21.67
N GLY C 25 4.12 6.43 -22.95
CA GLY C 25 4.97 7.55 -23.34
C GLY C 25 6.42 7.12 -23.58
N PHE C 26 6.61 5.89 -24.06
CA PHE C 26 7.87 5.39 -24.59
C PHE C 26 7.63 3.96 -25.05
N SER C 27 8.56 3.40 -25.81
CA SER C 27 8.44 2.05 -26.34
C SER C 27 9.42 1.14 -25.61
N LEU C 28 9.01 -0.12 -25.36
CA LEU C 28 9.89 -1.09 -24.72
C LEU C 28 10.89 -1.61 -25.76
N ASN C 29 10.66 -1.29 -27.04
CA ASN C 29 11.63 -1.54 -28.10
C ASN C 29 12.95 -0.84 -27.78
N ASN C 30 12.88 0.34 -27.16
CA ASN C 30 14.06 1.16 -26.92
C ASN C 30 14.36 1.27 -25.42
N ASN C 31 13.69 0.46 -24.59
CA ASN C 31 13.86 0.56 -23.15
C ASN C 31 13.82 -0.83 -22.50
N ALA C 32 14.68 -1.02 -21.50
CA ALA C 32 14.70 -2.23 -20.70
C ALA C 32 13.80 -2.01 -19.49
N MET C 33 13.13 -3.07 -19.07
CA MET C 33 12.28 -3.03 -17.89
C MET C 33 12.80 -4.03 -16.84
N THR C 34 12.66 -3.67 -15.55
CA THR C 34 13.08 -4.53 -14.46
C THR C 34 11.95 -4.65 -13.45
N TRP C 35 11.87 -5.84 -12.81
CA TRP C 35 10.95 -6.11 -11.72
C TRP C 35 11.70 -6.20 -10.39
N VAL C 36 11.06 -5.67 -9.35
CA VAL C 36 11.58 -5.52 -7.99
C VAL C 36 10.41 -5.84 -7.05
N ARG C 37 10.63 -6.64 -6.00
CA ARG C 37 9.55 -6.85 -5.06
C ARG C 37 9.93 -6.28 -3.69
N GLN C 38 8.93 -6.19 -2.81
CA GLN C 38 9.11 -5.75 -1.44
C GLN C 38 8.03 -6.36 -0.56
N ALA C 39 8.42 -7.29 0.31
CA ALA C 39 7.52 -7.85 1.30
C ALA C 39 7.14 -6.79 2.34
N PRO C 40 5.97 -6.89 2.99
CA PRO C 40 5.55 -5.87 3.97
C PRO C 40 6.55 -5.76 5.11
N GLY C 41 6.94 -4.52 5.42
CA GLY C 41 7.87 -4.23 6.50
C GLY C 41 9.34 -4.33 6.05
N LYS C 42 9.58 -4.84 4.84
CA LYS C 42 10.92 -5.22 4.42
C LYS C 42 11.41 -4.28 3.34
N GLY C 43 12.52 -4.67 2.70
CA GLY C 43 13.26 -3.84 1.78
C GLY C 43 13.11 -4.30 0.34
N LEU C 44 13.69 -3.53 -0.57
CA LEU C 44 13.66 -3.82 -1.99
C LEU C 44 14.59 -4.99 -2.30
N GLU C 45 14.13 -5.82 -3.23
CA GLU C 45 14.84 -7.01 -3.66
C GLU C 45 14.63 -7.14 -5.16
N TRP C 46 15.74 -7.22 -5.90
CA TRP C 46 15.76 -7.32 -7.35
C TRP C 46 15.34 -8.73 -7.78
N ILE C 47 14.44 -8.80 -8.77
CA ILE C 47 13.97 -10.06 -9.35
C ILE C 47 14.72 -10.31 -10.66
N GLY C 48 14.62 -9.38 -11.61
CA GLY C 48 15.23 -9.59 -12.92
C GLY C 48 14.92 -8.45 -13.88
N LEU C 49 15.32 -8.59 -15.15
CA LEU C 49 14.99 -7.57 -16.13
C LEU C 49 15.01 -8.14 -17.54
N ILE C 50 14.46 -7.33 -18.47
CA ILE C 50 14.36 -7.69 -19.87
C ILE C 50 15.01 -6.58 -20.69
N SER C 51 15.93 -6.97 -21.58
CA SER C 51 16.68 -6.02 -22.38
C SER C 51 15.80 -5.51 -23.54
N ARG C 52 16.31 -4.53 -24.30
CA ARG C 52 15.58 -3.91 -25.40
C ARG C 52 15.19 -4.94 -26.45
N SER C 53 16.11 -5.86 -26.77
CA SER C 53 15.87 -6.87 -27.77
C SER C 53 15.06 -8.03 -27.17
N GLY C 54 15.15 -8.22 -25.84
CA GLY C 54 14.27 -9.14 -25.13
C GLY C 54 14.99 -10.24 -24.35
N ILE C 55 16.30 -10.04 -24.12
CA ILE C 55 17.13 -10.95 -23.34
C ILE C 55 16.77 -10.81 -21.86
N THR C 56 16.51 -11.93 -21.18
CA THR C 56 16.14 -11.89 -19.76
C THR C 56 17.35 -12.17 -18.86
N HIS C 57 17.30 -11.57 -17.67
CA HIS C 57 18.30 -11.77 -16.62
C HIS C 57 17.56 -11.83 -15.29
N TYR C 58 17.90 -12.80 -14.44
CA TYR C 58 17.27 -12.97 -13.14
C TYR C 58 18.32 -12.92 -12.05
N ALA C 59 17.89 -12.54 -10.83
CA ALA C 59 18.67 -12.84 -9.64
C ALA C 59 18.71 -14.35 -9.48
N ASN C 60 19.73 -14.85 -8.77
CA ASN C 60 19.91 -16.29 -8.69
C ASN C 60 18.79 -16.91 -7.86
N TRP C 61 18.27 -16.17 -6.86
CA TRP C 61 17.21 -16.67 -6.01
C TRP C 61 15.96 -16.92 -6.85
N ALA C 62 15.77 -16.11 -7.89
CA ALA C 62 14.51 -16.00 -8.60
C ALA C 62 14.47 -16.94 -9.80
N LYS C 63 15.65 -17.31 -10.32
CA LYS C 63 15.75 -18.07 -11.57
C LYS C 63 14.78 -19.24 -11.53
N GLY C 64 13.88 -19.27 -12.53
CA GLY C 64 13.05 -20.45 -12.81
C GLY C 64 11.65 -20.33 -12.23
N ARG C 65 11.50 -19.57 -11.14
CA ARG C 65 10.20 -19.37 -10.52
C ARG C 65 9.53 -18.07 -10.98
N PHE C 66 10.25 -17.26 -11.76
CA PHE C 66 9.70 -16.07 -12.38
C PHE C 66 10.06 -16.07 -13.85
N THR C 67 9.13 -15.59 -14.69
CA THR C 67 9.37 -15.37 -16.11
C THR C 67 8.99 -13.94 -16.47
N ILE C 68 9.89 -13.23 -17.14
CA ILE C 68 9.60 -11.88 -17.60
C ILE C 68 9.45 -11.95 -19.11
N SER C 69 8.32 -11.44 -19.61
CA SER C 69 8.07 -11.33 -21.03
C SER C 69 7.48 -9.96 -21.27
N LYS C 70 7.36 -9.59 -22.54
CA LYS C 70 6.79 -8.30 -22.89
C LYS C 70 6.18 -8.33 -24.28
N THR C 71 5.38 -7.28 -24.55
CA THR C 71 5.17 -6.73 -25.89
C THR C 71 5.72 -5.29 -25.86
N SER C 72 5.43 -4.50 -26.92
CA SER C 72 6.04 -3.19 -27.08
C SER C 72 5.56 -2.18 -26.03
N THR C 73 4.36 -2.40 -25.46
CA THR C 73 3.80 -1.45 -24.51
C THR C 73 3.61 -2.04 -23.11
N THR C 74 3.79 -3.35 -22.94
CA THR C 74 3.49 -4.02 -21.68
C THR C 74 4.57 -5.04 -21.36
N VAL C 75 4.93 -5.14 -20.07
CA VAL C 75 5.85 -6.17 -19.60
C VAL C 75 5.15 -6.96 -18.51
N ASP C 76 5.44 -8.27 -18.45
CA ASP C 76 4.79 -9.17 -17.51
C ASP C 76 5.79 -9.78 -16.55
N LEU C 77 5.25 -10.26 -15.42
CA LEU C 77 5.96 -11.11 -14.47
C LEU C 77 5.05 -12.27 -14.15
N LYS C 78 5.36 -13.44 -14.73
CA LYS C 78 4.75 -14.70 -14.34
C LYS C 78 5.46 -15.25 -13.11
N ILE C 79 4.67 -15.46 -12.05
CA ILE C 79 5.07 -16.27 -10.92
C ILE C 79 4.61 -17.70 -11.19
N THR C 80 5.57 -18.63 -11.34
CA THR C 80 5.26 -20.01 -11.68
C THR C 80 4.40 -20.61 -10.56
N THR C 81 4.95 -20.65 -9.33
CA THR C 81 4.26 -21.22 -8.19
C THR C 81 4.33 -20.21 -7.05
N SER C 82 3.21 -20.00 -6.38
CA SER C 82 3.13 -18.97 -5.36
C SER C 82 3.21 -19.62 -3.98
N THR C 83 4.21 -19.16 -3.21
CA THR C 83 4.41 -19.56 -1.82
C THR C 83 4.10 -18.36 -0.96
N THR C 84 4.07 -18.55 0.37
CA THR C 84 3.84 -17.46 1.30
C THR C 84 4.93 -16.41 1.16
N GLU C 85 6.14 -16.84 0.74
CA GLU C 85 7.27 -15.93 0.62
C GLU C 85 7.17 -15.05 -0.64
N ASP C 86 6.09 -15.21 -1.41
CA ASP C 86 5.81 -14.33 -2.54
C ASP C 86 4.87 -13.18 -2.14
N THR C 87 4.48 -13.13 -0.86
CA THR C 87 3.64 -12.04 -0.38
C THR C 87 4.45 -10.75 -0.45
N ALA C 88 4.19 -9.94 -1.47
CA ALA C 88 4.92 -8.69 -1.61
C ALA C 88 4.23 -7.73 -2.59
N THR C 89 4.68 -6.48 -2.54
CA THR C 89 4.40 -5.52 -3.58
C THR C 89 5.47 -5.67 -4.65
N TYR C 90 5.02 -5.83 -5.90
CA TYR C 90 5.88 -6.00 -7.05
C TYR C 90 5.84 -4.71 -7.88
N PHE C 91 6.98 -4.03 -8.00
CA PHE C 91 7.13 -2.86 -8.86
C PHE C 91 7.84 -3.24 -10.15
N CYS C 92 7.42 -2.58 -11.24
CA CYS C 92 8.20 -2.51 -12.47
C CYS C 92 8.94 -1.19 -12.50
N ALA C 93 10.03 -1.12 -13.27
CA ALA C 93 10.77 0.12 -13.43
C ALA C 93 11.58 0.11 -14.71
N ARG C 94 11.74 1.30 -15.31
CA ARG C 94 12.52 1.50 -16.51
C ARG C 94 14.01 1.46 -16.15
N VAL C 95 14.78 0.72 -16.96
CA VAL C 95 16.20 0.57 -16.69
C VAL C 95 16.93 1.63 -17.50
N ASP C 96 17.73 2.42 -16.80
CA ASP C 96 18.39 3.58 -17.35
C ASP C 96 19.69 3.13 -18.05
N TYR C 97 19.56 2.77 -19.34
CA TYR C 97 20.71 2.65 -20.22
C TYR C 97 20.27 2.86 -21.67
N ASP C 98 21.26 3.10 -22.54
CA ASP C 98 21.08 3.20 -23.98
C ASP C 98 22.37 2.74 -24.67
N ASP C 99 22.53 3.06 -25.95
CA ASP C 99 23.63 2.52 -26.75
C ASP C 99 24.97 3.12 -26.36
N TYR C 100 24.98 4.27 -25.69
CA TYR C 100 26.23 4.96 -25.39
C TYR C 100 26.68 4.65 -23.96
N ARG C 101 25.80 4.80 -22.98
CA ARG C 101 26.21 4.57 -21.60
C ARG C 101 25.11 3.86 -20.83
N ASP C 102 25.54 3.33 -19.67
CA ASP C 102 24.72 2.54 -18.78
C ASP C 102 24.85 3.20 -17.41
N TRP C 103 23.77 3.85 -16.96
CA TRP C 103 23.75 4.57 -15.71
C TRP C 103 23.54 3.62 -14.53
N GLY C 104 22.99 2.44 -14.84
CA GLY C 104 22.83 1.38 -13.84
C GLY C 104 21.49 1.50 -13.14
N SER C 105 20.88 2.69 -13.18
CA SER C 105 19.77 3.04 -12.31
C SER C 105 18.41 2.64 -12.90
N PHE C 106 17.39 2.75 -12.04
CA PHE C 106 15.99 2.59 -12.40
C PHE C 106 15.32 3.93 -12.11
N ASN C 107 14.77 4.62 -13.13
CA ASN C 107 14.45 6.02 -12.95
C ASN C 107 12.96 6.33 -13.08
N VAL C 108 12.18 5.40 -13.60
CA VAL C 108 10.74 5.57 -13.65
C VAL C 108 10.12 4.34 -13.01
N TRP C 109 9.18 4.55 -12.08
CA TRP C 109 8.64 3.47 -11.30
C TRP C 109 7.10 3.41 -11.42
N GLY C 110 6.58 2.18 -11.48
CA GLY C 110 5.15 1.96 -11.38
C GLY C 110 4.67 2.06 -9.94
N PRO C 111 3.35 2.11 -9.69
CA PRO C 111 2.83 2.24 -8.32
C PRO C 111 2.82 0.96 -7.50
N GLY C 112 3.21 -0.15 -8.12
CA GLY C 112 3.30 -1.44 -7.43
C GLY C 112 1.95 -2.15 -7.37
N THR C 113 2.00 -3.48 -7.40
CA THR C 113 0.82 -4.31 -7.29
C THR C 113 1.04 -5.38 -6.22
N LEU C 114 0.19 -5.35 -5.18
CA LEU C 114 0.37 -6.16 -3.98
C LEU C 114 -0.13 -7.56 -4.28
N VAL C 115 0.66 -8.54 -3.86
CA VAL C 115 0.31 -9.95 -3.97
C VAL C 115 0.31 -10.52 -2.56
N THR C 116 -0.89 -10.89 -2.07
CA THR C 116 -1.02 -11.57 -0.79
C THR C 116 -1.24 -13.04 -1.07
N VAL C 117 -0.22 -13.86 -0.79
CA VAL C 117 -0.38 -15.31 -0.89
C VAL C 117 -0.79 -15.77 0.50
N SER C 118 -1.91 -16.46 0.59
CA SER C 118 -2.42 -16.79 1.92
C SER C 118 -2.93 -18.25 2.00
N ALA C 135 28.52 -14.35 -5.22
CA ALA C 135 27.29 -13.52 -5.10
C ALA C 135 27.68 -12.10 -4.71
N ALA C 136 26.75 -11.17 -4.95
CA ALA C 136 26.98 -9.74 -4.78
C ALA C 136 25.95 -9.15 -3.81
N VAL C 137 26.42 -8.59 -2.68
CA VAL C 137 25.50 -7.98 -1.71
C VAL C 137 25.95 -6.56 -1.43
N LEU C 138 24.97 -5.71 -1.07
CA LEU C 138 25.22 -4.37 -0.56
C LEU C 138 24.91 -4.39 0.93
N THR C 139 25.91 -4.11 1.77
CA THR C 139 25.67 -3.94 3.20
C THR C 139 25.50 -2.45 3.48
N GLN C 140 24.34 -2.09 4.04
CA GLN C 140 23.93 -0.71 4.23
C GLN C 140 23.83 -0.41 5.74
N THR C 141 24.43 0.72 6.17
CA THR C 141 24.46 1.10 7.56
C THR C 141 24.37 2.62 7.71
N PRO C 142 23.70 3.14 8.75
CA PRO C 142 23.03 2.32 9.76
C PRO C 142 21.66 1.87 9.28
N SER C 143 21.02 0.97 10.02
CA SER C 143 19.72 0.45 9.62
C SER C 143 18.64 1.48 9.90
N SER C 144 18.95 2.44 10.79
CA SER C 144 18.00 3.48 11.16
C SER C 144 18.74 4.62 11.83
N VAL C 145 18.19 5.82 11.74
CA VAL C 145 18.86 6.99 12.29
C VAL C 145 17.80 8.05 12.50
N SER C 146 18.02 8.82 13.56
CA SER C 146 17.15 9.91 13.98
C SER C 146 17.93 11.21 13.83
N SER C 147 17.32 12.22 13.23
CA SER C 147 18.03 13.47 12.91
C SER C 147 17.18 14.68 13.29
N ALA C 148 17.84 15.68 13.89
CA ALA C 148 17.21 16.95 14.12
C ALA C 148 17.11 17.69 12.79
N VAL C 149 16.01 18.43 12.62
CA VAL C 149 15.84 19.27 11.44
C VAL C 149 17.08 20.16 11.37
N GLY C 150 17.73 20.18 10.20
CA GLY C 150 18.93 20.97 10.01
C GLY C 150 20.19 20.14 10.28
N GLY C 151 20.02 18.92 10.79
CA GLY C 151 21.13 18.02 11.06
C GLY C 151 21.71 17.42 9.78
N THR C 152 22.75 16.60 9.95
CA THR C 152 23.45 15.96 8.83
C THR C 152 23.28 14.45 8.95
N VAL C 153 22.92 13.80 7.84
CA VAL C 153 22.73 12.36 7.84
C VAL C 153 23.64 11.74 6.81
N THR C 154 24.53 10.83 7.24
CA THR C 154 25.36 10.05 6.32
C THR C 154 24.89 8.59 6.34
N ILE C 155 24.80 7.97 5.15
CA ILE C 155 24.39 6.58 5.00
C ILE C 155 25.46 5.86 4.17
N ASN C 156 25.85 4.66 4.60
CA ASN C 156 26.93 3.95 3.95
C ASN C 156 26.41 2.73 3.24
N CYS C 157 26.93 2.51 2.02
CA CYS C 157 26.84 1.25 1.33
C CYS C 157 28.22 0.72 1.00
N GLN C 158 28.36 -0.58 1.25
CA GLN C 158 29.60 -1.31 1.06
C GLN C 158 29.34 -2.51 0.15
N ALA C 159 30.00 -2.53 -1.02
CA ALA C 159 29.86 -3.64 -1.96
C ALA C 159 30.81 -4.76 -1.57
N SER C 160 30.46 -5.99 -1.97
CA SER C 160 31.26 -7.18 -1.76
C SER C 160 32.09 -7.47 -2.99
N GLN C 161 31.84 -6.70 -4.06
CA GLN C 161 32.75 -6.63 -5.18
C GLN C 161 32.44 -5.37 -5.98
N SER C 162 33.43 -4.96 -6.78
CA SER C 162 33.37 -3.73 -7.54
C SER C 162 32.12 -3.74 -8.41
N LEU C 163 31.53 -2.56 -8.59
CA LEU C 163 30.30 -2.39 -9.33
C LEU C 163 30.64 -2.18 -10.80
N TYR C 164 29.67 -2.45 -11.66
CA TYR C 164 29.82 -2.24 -13.09
C TYR C 164 30.16 -0.77 -13.35
N ASN C 165 31.26 -0.53 -14.08
CA ASN C 165 31.77 0.81 -14.33
C ASN C 165 32.47 1.40 -13.10
N ASN C 166 32.48 0.67 -11.99
CA ASN C 166 33.17 1.08 -10.78
C ASN C 166 32.33 2.05 -9.96
N LYS C 167 31.21 2.53 -10.51
CA LYS C 167 30.48 3.63 -9.89
C LYS C 167 28.97 3.57 -10.09
N ASN C 168 28.41 2.47 -10.60
CA ASN C 168 26.97 2.40 -10.83
C ASN C 168 26.23 2.00 -9.56
N LEU C 169 26.35 2.88 -8.55
CA LEU C 169 25.63 2.80 -7.30
C LEU C 169 24.62 3.94 -7.29
N ALA C 170 23.35 3.63 -7.06
CA ALA C 170 22.28 4.63 -7.07
C ALA C 170 21.59 4.57 -5.72
N TRP C 171 20.99 5.70 -5.33
CA TRP C 171 20.21 5.78 -4.11
C TRP C 171 18.76 6.05 -4.45
N TYR C 172 17.84 5.40 -3.73
CA TYR C 172 16.41 5.68 -3.84
C TYR C 172 15.82 6.05 -2.48
N GLN C 173 14.82 6.93 -2.52
CA GLN C 173 14.06 7.35 -1.36
C GLN C 173 12.69 6.66 -1.47
N GLN C 174 12.13 6.20 -0.35
CA GLN C 174 10.81 5.59 -0.32
C GLN C 174 10.07 6.00 0.97
N LYS C 175 9.08 6.87 0.80
CA LYS C 175 8.16 7.26 1.86
C LYS C 175 7.17 6.11 2.05
N PRO C 176 6.63 5.93 3.30
CA PRO C 176 5.79 4.78 3.64
C PRO C 176 4.58 4.64 2.72
N GLY C 177 4.46 3.50 2.05
CA GLY C 177 3.28 3.17 1.27
C GLY C 177 3.32 3.77 -0.14
N GLN C 178 4.44 4.41 -0.50
CA GLN C 178 4.65 4.98 -1.82
C GLN C 178 5.79 4.22 -2.50
N ARG C 179 5.93 4.38 -3.82
CA ARG C 179 6.94 3.67 -4.57
C ARG C 179 8.29 4.28 -4.27
N PRO C 180 9.42 3.67 -4.68
CA PRO C 180 10.74 4.33 -4.59
C PRO C 180 10.93 5.46 -5.58
N LYS C 181 11.65 6.51 -5.16
CA LYS C 181 12.07 7.61 -6.02
C LYS C 181 13.59 7.69 -6.11
N LEU C 182 14.12 7.84 -7.34
CA LEU C 182 15.55 7.94 -7.60
C LEU C 182 16.09 9.33 -7.23
N LEU C 183 17.20 9.36 -6.48
CA LEU C 183 17.86 10.60 -6.06
C LEU C 183 19.20 10.78 -6.76
N ILE C 184 20.07 9.77 -6.64
CA ILE C 184 21.47 9.84 -7.04
C ILE C 184 21.73 8.62 -7.94
N TYR C 185 22.43 8.80 -9.05
CA TYR C 185 22.87 7.67 -9.86
C TYR C 185 24.28 7.93 -10.38
N SER C 186 25.00 6.83 -10.65
CA SER C 186 26.43 6.81 -10.89
C SER C 186 27.23 7.34 -9.71
N ALA C 187 26.70 7.16 -8.49
CA ALA C 187 27.41 7.45 -7.25
C ALA C 187 27.18 8.89 -6.80
N SER C 188 27.23 9.85 -7.72
CA SER C 188 27.27 11.25 -7.34
C SER C 188 26.40 12.15 -8.25
N THR C 189 25.58 11.59 -9.14
CA THR C 189 24.80 12.42 -10.05
C THR C 189 23.37 12.57 -9.50
N LEU C 190 22.98 13.83 -9.25
CA LEU C 190 21.67 14.15 -8.73
C LEU C 190 20.65 14.04 -9.86
N ALA C 191 19.59 13.25 -9.64
CA ALA C 191 18.48 13.15 -10.55
C ALA C 191 17.84 14.52 -10.75
N SER C 192 16.62 14.58 -11.26
CA SER C 192 16.06 15.86 -11.68
C SER C 192 15.09 16.39 -10.62
N GLY C 193 15.23 17.70 -10.31
CA GLY C 193 14.45 18.33 -9.26
C GLY C 193 14.80 17.82 -7.86
N VAL C 194 15.85 17.00 -7.75
CA VAL C 194 16.31 16.56 -6.45
C VAL C 194 17.07 17.70 -5.79
N PRO C 195 16.79 17.99 -4.51
CA PRO C 195 17.37 19.16 -3.85
C PRO C 195 18.88 18.95 -3.64
N SER C 196 19.62 20.05 -3.66
CA SER C 196 21.07 19.98 -3.63
C SER C 196 21.56 19.63 -2.22
N ARG C 197 20.62 19.55 -1.26
CA ARG C 197 20.93 19.14 0.11
C ARG C 197 21.45 17.70 0.11
N PHE C 198 21.04 16.93 -0.90
CA PHE C 198 21.50 15.56 -1.07
C PHE C 198 22.78 15.58 -1.91
N SER C 199 23.77 14.77 -1.51
CA SER C 199 24.96 14.53 -2.31
C SER C 199 25.50 13.14 -2.00
N GLY C 200 26.14 12.52 -3.01
CA GLY C 200 26.59 11.14 -2.91
C GLY C 200 28.04 10.99 -3.33
N SER C 201 28.76 10.06 -2.69
CA SER C 201 30.17 9.88 -3.02
C SER C 201 30.55 8.42 -2.93
N GLY C 202 31.81 8.14 -3.26
CA GLY C 202 32.41 6.82 -3.16
C GLY C 202 32.90 6.29 -4.50
N SER C 203 33.49 5.10 -4.46
CA SER C 203 34.09 4.46 -5.64
C SER C 203 34.59 3.07 -5.25
N GLY C 204 34.63 2.16 -6.23
CA GLY C 204 34.95 0.79 -5.95
C GLY C 204 33.82 0.12 -5.20
N THR C 205 33.95 0.04 -3.86
CA THR C 205 33.03 -0.73 -3.05
C THR C 205 32.57 0.04 -1.81
N GLN C 206 32.92 1.33 -1.71
CA GLN C 206 32.47 2.18 -0.61
C GLN C 206 31.77 3.42 -1.18
N PHE C 207 30.52 3.65 -0.74
CA PHE C 207 29.70 4.76 -1.21
C PHE C 207 28.96 5.34 -0.01
N THR C 208 28.72 6.65 -0.01
CA THR C 208 27.90 7.27 1.03
C THR C 208 26.88 8.21 0.40
N LEU C 209 25.67 8.23 0.99
CA LEU C 209 24.68 9.29 0.78
C LEU C 209 24.76 10.25 1.97
N THR C 210 24.83 11.55 1.69
CA THR C 210 24.82 12.56 2.74
C THR C 210 23.59 13.45 2.53
N ILE C 211 22.93 13.84 3.62
CA ILE C 211 21.90 14.87 3.61
C ILE C 211 22.39 16.03 4.49
N ASN C 212 22.75 17.17 3.86
CA ASN C 212 23.26 18.34 4.58
C ASN C 212 22.13 19.33 4.85
N GLY C 213 21.58 19.31 6.06
CA GLY C 213 20.44 20.16 6.40
C GLY C 213 19.14 19.44 6.13
N VAL C 214 18.87 18.42 6.95
CA VAL C 214 17.76 17.50 6.78
C VAL C 214 16.45 18.21 7.09
N GLN C 215 15.42 17.88 6.29
CA GLN C 215 14.11 18.51 6.39
C GLN C 215 13.06 17.45 6.69
N SER C 216 11.96 17.89 7.30
CA SER C 216 10.86 17.03 7.73
C SER C 216 10.39 16.13 6.59
N ASP C 217 10.46 16.63 5.35
CA ASP C 217 10.06 15.86 4.18
C ASP C 217 11.12 14.82 3.79
N ASP C 218 12.30 14.83 4.43
CA ASP C 218 13.33 13.86 4.06
C ASP C 218 13.14 12.59 4.90
N ALA C 219 12.18 12.59 5.83
CA ALA C 219 11.83 11.37 6.55
C ALA C 219 11.37 10.30 5.58
N ALA C 220 12.22 9.29 5.39
CA ALA C 220 11.91 8.17 4.53
C ALA C 220 12.85 7.00 4.84
N THR C 221 12.68 5.92 4.08
CA THR C 221 13.67 4.85 4.02
C THR C 221 14.50 5.04 2.76
N TYR C 222 15.83 4.91 2.88
CA TYR C 222 16.72 5.07 1.74
C TYR C 222 17.42 3.76 1.42
N TYR C 223 17.36 3.38 0.15
CA TYR C 223 18.01 2.18 -0.37
C TYR C 223 19.14 2.58 -1.30
N CYS C 224 20.32 1.94 -1.17
CA CYS C 224 21.31 1.95 -2.24
C CYS C 224 21.03 0.81 -3.21
N GLN C 225 21.54 0.93 -4.45
CA GLN C 225 21.43 -0.11 -5.47
C GLN C 225 22.63 -0.04 -6.43
N GLY C 226 23.24 -1.21 -6.64
CA GLY C 226 24.48 -1.36 -7.39
C GLY C 226 24.24 -2.31 -8.56
N GLU C 227 24.74 -1.93 -9.74
CA GLU C 227 24.82 -2.80 -10.89
C GLU C 227 26.18 -3.50 -10.88
N PHE C 228 26.16 -4.82 -11.01
CA PHE C 228 27.37 -5.63 -11.03
C PHE C 228 27.55 -6.12 -12.46
N SER C 229 28.56 -6.97 -12.66
CA SER C 229 28.76 -7.63 -13.94
C SER C 229 27.90 -8.89 -13.99
N CYS C 230 27.03 -8.98 -15.00
CA CYS C 230 26.02 -10.05 -15.06
C CYS C 230 26.67 -11.42 -15.06
N SER C 231 27.86 -11.53 -15.70
CA SER C 231 28.53 -12.80 -15.96
C SER C 231 29.32 -13.32 -14.75
N SER C 232 29.26 -12.64 -13.60
CA SER C 232 29.98 -13.03 -12.40
C SER C 232 29.14 -12.80 -11.15
N ALA C 233 27.85 -12.46 -11.32
CA ALA C 233 26.98 -12.13 -10.20
C ALA C 233 25.55 -11.84 -10.71
N ASP C 234 24.66 -11.52 -9.77
CA ASP C 234 23.39 -10.90 -10.10
C ASP C 234 23.67 -9.54 -10.72
N CYS C 235 22.90 -9.19 -11.75
CA CYS C 235 23.14 -7.93 -12.45
C CYS C 235 22.91 -6.69 -11.58
N ASN C 236 22.02 -6.82 -10.58
CA ASN C 236 21.77 -5.76 -9.62
C ASN C 236 21.53 -6.34 -8.22
N ALA C 237 21.76 -5.49 -7.20
CA ALA C 237 21.24 -5.76 -5.88
C ALA C 237 20.98 -4.45 -5.13
N PHE C 238 20.20 -4.52 -4.05
CA PHE C 238 19.91 -3.37 -3.21
C PHE C 238 20.50 -3.60 -1.83
N GLY C 239 20.81 -2.52 -1.10
CA GLY C 239 21.02 -2.60 0.33
C GLY C 239 19.71 -2.92 1.06
N GLY C 240 19.80 -3.12 2.38
CA GLY C 240 18.65 -3.49 3.19
C GLY C 240 17.87 -2.26 3.67
N GLY C 241 18.39 -1.07 3.35
CA GLY C 241 17.69 0.18 3.56
C GLY C 241 17.98 0.81 4.91
N THR C 242 17.77 2.12 5.00
CA THR C 242 17.98 2.89 6.21
C THR C 242 16.71 3.69 6.48
N GLU C 243 16.15 3.51 7.67
CA GLU C 243 15.04 4.33 8.11
C GLU C 243 15.58 5.62 8.70
N VAL C 244 15.19 6.74 8.09
CA VAL C 244 15.58 8.05 8.58
C VAL C 244 14.33 8.75 9.09
N VAL C 245 14.30 9.04 10.39
CA VAL C 245 13.25 9.85 10.97
C VAL C 245 13.85 11.23 11.22
N VAL C 246 13.00 12.26 11.12
CA VAL C 246 13.44 13.62 11.38
C VAL C 246 12.66 14.19 12.57
N LYS C 247 13.39 14.48 13.66
CA LYS C 247 12.82 15.00 14.89
C LYS C 247 12.50 16.49 14.71
N GLY C 248 11.23 16.83 14.97
CA GLY C 248 10.76 18.21 14.95
C GLY C 248 9.75 18.45 16.04
N HIS D 3 28.75 -7.83 -24.75
CA HIS D 3 29.78 -6.83 -24.34
C HIS D 3 29.05 -5.62 -23.74
N PHE D 4 28.63 -4.67 -24.61
CA PHE D 4 27.87 -3.49 -24.22
C PHE D 4 26.63 -3.37 -25.10
N PRO D 5 25.42 -3.10 -24.55
CA PRO D 5 25.10 -3.26 -23.13
C PRO D 5 25.13 -4.71 -22.62
N GLN D 6 25.62 -4.90 -21.39
CA GLN D 6 25.85 -6.22 -20.87
C GLN D 6 24.54 -7.01 -20.90
N PHE D 7 23.44 -6.30 -20.66
CA PHE D 7 22.14 -6.93 -20.57
C PHE D 7 21.77 -7.59 -21.90
N SEP D 8 22.16 -6.94 -23.01
CA SEP D 8 21.77 -7.40 -24.32
CB SEP D 8 22.10 -6.31 -25.35
OG SEP D 8 21.39 -5.10 -25.03
C SEP D 8 22.41 -8.74 -24.68
O SEP D 8 22.06 -9.32 -25.71
P SEP D 8 19.84 -4.92 -25.52
O1P SEP D 8 19.28 -6.31 -25.69
O2P SEP D 8 19.18 -4.14 -24.38
O3P SEP D 8 19.80 -4.12 -26.82
N TYR D 9 23.32 -9.26 -23.84
CA TYR D 9 24.02 -10.51 -24.12
C TYR D 9 23.83 -11.50 -22.96
N SER D 10 23.78 -12.79 -23.31
CA SER D 10 23.65 -13.89 -22.35
C SER D 10 25.04 -14.29 -21.82
S SO4 E . -19.19 9.33 21.85
O1 SO4 E . -18.08 9.80 21.07
O2 SO4 E . -19.97 8.35 21.12
O3 SO4 E . -18.69 8.71 23.05
O4 SO4 E . -20.05 10.47 22.18
S SO4 F . -7.54 1.74 -5.06
O1 SO4 F . -6.60 2.25 -4.10
O2 SO4 F . -7.22 0.38 -5.37
O3 SO4 F . -8.88 1.79 -4.53
O4 SO4 F . -7.46 2.51 -6.28
S SO4 G . -17.66 -8.62 -12.92
O1 SO4 G . -16.44 -9.38 -12.79
O2 SO4 G . -17.75 -8.14 -14.27
O3 SO4 G . -18.79 -9.45 -12.63
O4 SO4 G . -17.64 -7.49 -12.01
CL CL H . 2.09 17.50 10.81
S SO4 I . 11.41 5.88 -26.57
O1 SO4 I . 12.44 5.51 -25.63
O2 SO4 I . 12.02 6.42 -27.76
O3 SO4 I . 10.62 4.74 -26.91
O4 SO4 I . 10.55 6.89 -25.98
S SO4 J . -3.54 -14.81 -14.08
O1 SO4 J . -2.48 -14.69 -13.10
O2 SO4 J . -3.28 -15.95 -14.90
O3 SO4 J . -4.78 -14.97 -13.39
O4 SO4 J . -3.58 -13.63 -14.91
S SO4 K . 2.85 6.29 -4.97
O1 SO4 K . 4.27 6.20 -5.11
O2 SO4 K . 2.32 6.89 -6.17
O3 SO4 K . 2.29 4.97 -4.76
O4 SO4 K . 2.53 7.15 -3.86
CL CL L . 12.27 20.16 -1.25
#